data_5HBH
#
_entry.id   5HBH
#
_cell.length_a   70.143
_cell.length_b   70.663
_cell.length_c   169.467
_cell.angle_alpha   90.000
_cell.angle_beta   90.000
_cell.angle_gamma   90.000
#
_symmetry.space_group_name_H-M   'P 21 21 21'
#
loop_
_entity.id
_entity.type
_entity.pdbx_description
1 polymer 'Cyclin-dependent kinase 8'
2 polymer Cyclin-C
3 non-polymer '5-[5-chloranyl-4-[1-(2-methoxyethyl)-1,8-diazaspiro[4.5]decan-8-yl]pyridin-3-yl]-1-methyl-3~{H}-2,1-benzothiazole 2,2-dioxide'
4 non-polymer 1,2-ETHANEDIOL
5 non-polymer 'FORMIC ACID'
6 water water
#
loop_
_entity_poly.entity_id
_entity_poly.type
_entity_poly.pdbx_seq_one_letter_code
_entity_poly.pdbx_strand_id
1 'polypeptide(L)'
;DKMDYDFKVKLSSERERVEDLFEYEGCKVGRGTYGHVYKAKRKDGKDDKDYALKQIEGTGISMSACREIALLRELKHPNV
ISLQKVFLSHADRKVWLLFDYAEHDLWHIIKFHRASKANKKPVQLPRGMVKSLLYQILDGIHYLHANWVLHRDLKPANIL
VMGEGPERGRVKIADMGFARLFNSPLKPLADLDPVVVTFWYRAPELLLGARHYTKAIDIWAIGCIFAELLTSEPIFHCRQ
EDIKTSNPYHHDQLDRIFNVMGFPADKDWEDIKKMPEHSTLMKDFRRNTYTNCSLIKYMEKHKVKPDSKAFHLLQKLLTM
DPIKRITSEQAMQDPYFLEDPLPTSDVFAGCQIPYPKREFLTEE
;
A
2 'polypeptide(L)'
;DDDDKAMAGNFWQSSHYLQWILDKQDLLKERQKDLKFLSEEEYWKLQIFFTNVIQALGEHLKLRQQVIATATVYFKRFYA
RYSLKSIDPVLMAPTCVFLASKVEEFGVVSNTRLIAAATSVLKTRFSYAFPKEFPYRMNHILECEFYLLELMDCCLIVYH
PYRPLLQYVQDMGQEDMLLPLAWRIVNDTYRTDLCLLYPPFMIALACLHVACVVQQKDARQWFAELSVDMEKILEIIRVI
LKLYEQWKNFDERKEMATILSKMPKPKPPP
;
B
#
loop_
_chem_comp.id
_chem_comp.type
_chem_comp.name
_chem_comp.formula
5Y7 non-polymer '5-[5-chloranyl-4-[1-(2-methoxyethyl)-1,8-diazaspiro[4.5]decan-8-yl]pyridin-3-yl]-1-methyl-3~{H}-2,1-benzothiazole 2,2-dioxide' 'C24 H31 Cl N4 O3 S'
EDO non-polymer 1,2-ETHANEDIOL 'C2 H6 O2'
FMT non-polymer 'FORMIC ACID' 'C H2 O2'
#
# COMPACT_ATOMS: atom_id res chain seq x y z
N ASP A 1 17.64 14.77 22.15
CA ASP A 1 16.31 14.91 21.49
C ASP A 1 16.37 16.06 20.48
N LYS A 2 16.69 17.26 20.97
CA LYS A 2 16.91 18.48 20.18
C LYS A 2 15.67 19.04 19.42
N MET A 3 14.46 18.60 19.80
CA MET A 3 13.20 19.09 19.22
C MET A 3 12.70 20.32 19.98
N ASP A 4 11.82 21.09 19.34
CA ASP A 4 11.25 22.30 19.96
C ASP A 4 10.23 21.92 21.02
N TYR A 5 10.28 22.61 22.16
CA TYR A 5 9.40 22.32 23.30
C TYR A 5 7.96 22.70 22.99
N ASP A 6 7.77 23.94 22.51
CA ASP A 6 6.44 24.45 22.16
C ASP A 6 5.77 23.58 21.09
N PHE A 7 6.57 22.97 20.22
CA PHE A 7 6.09 22.01 19.20
C PHE A 7 5.61 20.70 19.83
N LYS A 8 6.37 20.18 20.78
CA LYS A 8 6.03 18.92 21.47
C LYS A 8 4.76 19.06 22.28
N VAL A 9 4.75 20.00 23.23
CA VAL A 9 3.60 20.18 24.13
C VAL A 9 2.32 20.52 23.38
N LYS A 10 2.38 21.44 22.41
CA LYS A 10 1.19 21.76 21.61
C LYS A 10 0.62 20.48 21.03
N LEU A 11 1.44 19.74 20.29
CA LEU A 11 1.03 18.46 19.67
C LEU A 11 0.53 17.45 20.70
N SER A 12 1.18 17.40 21.87
CA SER A 12 0.83 16.49 22.96
C SER A 12 -0.53 16.84 23.60
N SER A 13 -0.80 18.13 23.72
CA SER A 13 -2.09 18.63 24.22
C SER A 13 -3.25 18.31 23.27
N GLU A 14 -3.01 18.41 21.96
CA GLU A 14 -4.05 18.27 20.92
C GLU A 14 -4.24 16.86 20.40
N ARG A 15 -3.23 16.00 20.61
CA ARG A 15 -3.26 14.64 20.09
C ARG A 15 -4.40 13.87 20.71
N GLU A 16 -5.21 13.26 19.84
CA GLU A 16 -6.26 12.35 20.26
C GLU A 16 -5.70 10.98 20.62
N ARG A 17 -6.20 10.44 21.73
CA ARG A 17 -5.78 9.16 22.27
C ARG A 17 -6.93 8.16 22.18
N VAL A 18 -6.61 6.94 21.75
CA VAL A 18 -7.61 5.90 21.54
C VAL A 18 -8.38 5.56 22.82
N GLU A 19 -7.68 5.53 23.95
CA GLU A 19 -8.28 5.24 25.26
C GLU A 19 -9.25 6.33 25.76
N ASP A 20 -9.05 7.57 25.31
CA ASP A 20 -9.95 8.68 25.63
C ASP A 20 -11.19 8.69 24.74
N LEU A 21 -11.05 8.25 23.50
CA LEU A 21 -12.15 8.31 22.51
C LEU A 21 -13.06 7.08 22.50
N PHE A 22 -12.54 5.91 22.86
CA PHE A 22 -13.25 4.64 22.68
C PHE A 22 -13.31 3.75 23.92
N GLU A 23 -14.47 3.10 24.08
CA GLU A 23 -14.67 2.06 25.08
C GLU A 23 -14.50 0.71 24.39
N TYR A 24 -13.39 0.04 24.67
CA TYR A 24 -13.06 -1.27 24.10
C TYR A 24 -12.61 -2.33 25.11
N GLU A 25 -12.31 -1.93 26.35
CA GLU A 25 -11.68 -2.83 27.32
C GLU A 25 -12.67 -3.90 27.74
N GLY A 26 -12.26 -5.16 27.62
CA GLY A 26 -13.16 -6.30 27.77
C GLY A 26 -13.92 -6.68 26.51
N CYS A 27 -13.77 -5.89 25.44
CA CYS A 27 -14.51 -6.09 24.18
C CYS A 27 -13.64 -6.69 23.08
N LYS A 28 -12.65 -7.47 23.45
CA LYS A 28 -11.73 -8.10 22.51
C LYS A 28 -12.49 -9.21 21.77
N VAL A 29 -12.49 -9.14 20.45
CA VAL A 29 -13.18 -10.13 19.59
C VAL A 29 -12.23 -10.93 18.68
N GLY A 30 -10.95 -10.58 18.69
CA GLY A 30 -9.98 -11.18 17.78
C GLY A 30 -8.56 -11.12 18.30
N ARG A 31 -7.82 -12.20 18.07
CA ARG A 31 -6.48 -12.42 18.62
C ARG A 31 -5.64 -13.09 17.54
N GLY A 32 -4.36 -12.75 17.47
CA GLY A 32 -3.46 -13.36 16.51
C GLY A 32 -2.07 -12.76 16.53
N THR A 33 -1.27 -13.16 15.55
CA THR A 33 0.12 -12.71 15.44
C THR A 33 0.21 -11.19 15.18
N TYR A 34 -0.77 -10.69 14.43
CA TYR A 34 -0.96 -9.27 14.16
C TYR A 34 -1.21 -8.41 15.40
N GLY A 35 -1.85 -8.99 16.42
CA GLY A 35 -2.22 -8.29 17.63
C GLY A 35 -3.66 -8.60 18.01
N HIS A 36 -4.43 -7.56 18.34
CA HIS A 36 -5.76 -7.72 18.91
C HIS A 36 -6.76 -6.88 18.19
N VAL A 37 -8.02 -7.33 18.18
CA VAL A 37 -9.13 -6.53 17.64
C VAL A 37 -10.27 -6.49 18.65
N TYR A 38 -10.81 -5.28 18.86
CA TYR A 38 -11.91 -5.05 19.78
C TYR A 38 -13.11 -4.50 19.02
N LYS A 39 -14.31 -4.86 19.47
CA LYS A 39 -15.53 -4.19 19.05
C LYS A 39 -15.68 -3.02 20.00
N ALA A 40 -15.32 -1.82 19.55
CA ALA A 40 -15.30 -0.62 20.39
C ALA A 40 -16.51 0.26 20.15
N LYS A 41 -16.82 1.09 21.14
CA LYS A 41 -17.88 2.08 21.02
C LYS A 41 -17.28 3.40 21.48
N ARG A 42 -17.80 4.51 20.98
CA ARG A 42 -17.34 5.83 21.42
C ARG A 42 -17.92 6.14 22.79
N LYS A 43 -17.13 6.81 23.63
CA LYS A 43 -17.53 7.12 25.02
C LYS A 43 -18.65 8.19 25.11
N ASP A 44 -18.58 9.17 24.21
CA ASP A 44 -19.67 10.16 24.02
C ASP A 44 -20.96 9.51 23.47
N GLY A 45 -22.07 10.22 23.63
CA GLY A 45 -23.35 9.82 23.04
C GLY A 45 -23.59 10.44 21.67
N LYS A 46 -22.56 10.49 20.83
CA LYS A 46 -22.65 11.07 19.48
C LYS A 46 -23.34 10.07 18.55
N ASP A 47 -22.83 8.84 18.56
CA ASP A 47 -23.45 7.72 17.83
C ASP A 47 -23.24 6.40 18.57
N ASP A 48 -24.25 5.53 18.52
CA ASP A 48 -24.19 4.19 19.13
C ASP A 48 -23.67 3.10 18.16
N LYS A 49 -22.97 3.51 17.10
CA LYS A 49 -22.42 2.58 16.10
C LYS A 49 -21.19 1.86 16.63
N ASP A 50 -20.92 0.67 16.07
CA ASP A 50 -19.77 -0.15 16.46
C ASP A 50 -18.57 0.14 15.58
N TYR A 51 -17.38 -0.19 16.08
CA TYR A 51 -16.13 -0.01 15.32
C TYR A 51 -15.15 -1.14 15.62
N ALA A 52 -14.26 -1.41 14.68
CA ALA A 52 -13.24 -2.43 14.86
C ALA A 52 -11.94 -1.74 15.23
N LEU A 53 -11.44 -2.01 16.43
CA LEU A 53 -10.15 -1.45 16.89
C LEU A 53 -9.06 -2.51 16.88
N LYS A 54 -8.16 -2.42 15.89
CA LYS A 54 -6.99 -3.29 15.78
C LYS A 54 -5.79 -2.66 16.49
N GLN A 55 -5.30 -3.29 17.56
CA GLN A 55 -4.06 -2.90 18.21
C GLN A 55 -2.98 -3.76 17.58
N ILE A 56 -1.98 -3.14 16.95
CA ILE A 56 -0.94 -3.88 16.25
C ILE A 56 0.13 -4.40 17.23
N GLU A 57 0.67 -5.58 16.93
CA GLU A 57 1.77 -6.16 17.70
C GLU A 57 3.04 -5.30 17.58
N GLY A 58 3.80 -5.23 18.66
CA GLY A 58 5.13 -4.62 18.63
C GLY A 58 5.14 -3.11 18.76
N THR A 59 6.27 -2.58 19.23
CA THR A 59 6.53 -1.15 19.25
C THR A 59 7.01 -0.70 17.86
N GLY A 60 6.98 0.61 17.65
CA GLY A 60 7.30 1.18 16.35
C GLY A 60 6.24 0.83 15.31
N ILE A 61 6.65 0.81 14.05
CA ILE A 61 5.73 0.52 12.97
C ILE A 61 6.45 -0.34 11.92
N SER A 62 5.94 -1.56 11.69
CA SER A 62 6.56 -2.52 10.79
C SER A 62 6.26 -2.18 9.33
N MET A 63 7.02 -2.75 8.42
CA MET A 63 6.80 -2.55 6.98
C MET A 63 5.39 -2.97 6.58
N SER A 64 4.95 -4.12 7.09
CA SER A 64 3.58 -4.60 6.92
C SER A 64 2.56 -3.59 7.42
N ALA A 65 2.80 -3.04 8.61
CA ALA A 65 1.91 -2.01 9.19
C ALA A 65 1.91 -0.73 8.35
N CYS A 66 3.09 -0.31 7.88
CA CYS A 66 3.20 0.84 6.98
C CYS A 66 2.43 0.61 5.69
N ARG A 67 2.58 -0.59 5.14
CA ARG A 67 1.94 -0.96 3.88
C ARG A 67 0.42 -1.04 4.01
N GLU A 68 -0.09 -1.59 5.10
CA GLU A 68 -1.53 -1.68 5.33
C GLU A 68 -2.16 -0.30 5.41
N ILE A 69 -1.51 0.63 6.12
CA ILE A 69 -2.00 1.99 6.29
C ILE A 69 -1.93 2.78 4.96
N ALA A 70 -0.83 2.67 4.25
CA ALA A 70 -0.66 3.32 2.95
C ALA A 70 -1.77 2.95 1.99
N LEU A 71 -2.01 1.66 1.82
CA LEU A 71 -3.01 1.18 0.85
C LEU A 71 -4.43 1.49 1.29
N LEU A 72 -4.72 1.31 2.58
CA LEU A 72 -6.05 1.58 3.13
C LEU A 72 -6.44 3.05 3.07
N ARG A 73 -5.44 3.93 3.07
CA ARG A 73 -5.64 5.37 3.00
C ARG A 73 -6.07 5.83 1.60
N GLU A 74 -5.76 5.03 0.58
CA GLU A 74 -6.07 5.34 -0.82
C GLU A 74 -7.26 4.55 -1.37
N LEU A 75 -7.33 3.26 -1.06
CA LEU A 75 -8.40 2.39 -1.58
C LEU A 75 -9.78 2.89 -1.13
N LYS A 76 -10.72 2.90 -2.10
CA LYS A 76 -12.10 3.31 -1.85
C LYS A 76 -12.99 2.49 -2.79
N HIS A 77 -13.62 1.46 -2.25
CA HIS A 77 -14.55 0.62 -3.01
C HIS A 77 -15.57 0.05 -2.05
N PRO A 78 -16.84 -0.15 -2.51
CA PRO A 78 -17.86 -0.64 -1.57
C PRO A 78 -17.60 -2.01 -0.94
N ASN A 79 -16.86 -2.86 -1.64
CA ASN A 79 -16.54 -4.18 -1.16
C ASN A 79 -15.12 -4.31 -0.57
N VAL A 80 -14.48 -3.18 -0.25
CA VAL A 80 -13.20 -3.16 0.48
C VAL A 80 -13.35 -2.38 1.80
N ILE A 81 -12.77 -2.91 2.87
CA ILE A 81 -12.98 -2.38 4.23
C ILE A 81 -12.31 -1.02 4.38
N SER A 82 -12.96 -0.12 5.10
CA SER A 82 -12.52 1.28 5.23
C SER A 82 -11.76 1.50 6.53
N LEU A 83 -10.63 2.21 6.41
CA LEU A 83 -9.94 2.79 7.55
C LEU A 83 -10.57 4.13 7.86
N GLN A 84 -11.04 4.28 9.10
CA GLN A 84 -11.64 5.53 9.54
C GLN A 84 -10.54 6.44 10.03
N LYS A 85 -9.73 5.93 10.95
CA LYS A 85 -8.70 6.72 11.61
C LYS A 85 -7.53 5.81 12.01
N VAL A 86 -6.40 6.46 12.27
CA VAL A 86 -5.20 5.81 12.77
C VAL A 86 -4.79 6.57 14.03
N PHE A 87 -4.56 5.85 15.14
CA PHE A 87 -4.08 6.47 16.39
C PHE A 87 -2.64 6.07 16.64
N LEU A 88 -1.82 7.06 16.99
CA LEU A 88 -0.39 6.90 17.20
C LEU A 88 -0.13 7.22 18.66
N SER A 89 0.35 6.23 19.42
CA SER A 89 0.52 6.36 20.87
C SER A 89 1.99 6.61 21.20
N HIS A 90 2.35 7.89 21.35
CA HIS A 90 3.74 8.30 21.55
C HIS A 90 4.32 7.83 22.85
N ALA A 91 3.46 7.57 23.85
CA ALA A 91 3.89 7.02 25.13
C ALA A 91 4.57 5.64 24.96
N ASP A 92 3.80 4.65 24.51
CA ASP A 92 4.25 3.25 24.42
C ASP A 92 4.62 2.75 23.01
N ARG A 93 4.53 3.64 22.02
CA ARG A 93 4.94 3.35 20.63
C ARG A 93 4.01 2.34 19.91
N LYS A 94 2.77 2.22 20.37
CA LYS A 94 1.79 1.31 19.77
C LYS A 94 0.99 2.05 18.70
N VAL A 95 0.52 1.33 17.68
CA VAL A 95 -0.34 1.88 16.61
C VAL A 95 -1.69 1.16 16.59
N TRP A 96 -2.78 1.94 16.54
CA TRP A 96 -4.14 1.40 16.44
C TRP A 96 -4.80 1.86 15.16
N LEU A 97 -5.57 0.97 14.54
CA LEU A 97 -6.33 1.26 13.31
C LEU A 97 -7.84 1.16 13.61
N LEU A 98 -8.62 2.15 13.16
CA LEU A 98 -10.08 2.17 13.36
C LEU A 98 -10.77 1.81 12.06
N PHE A 99 -11.50 0.70 12.07
CA PHE A 99 -12.30 0.28 10.94
C PHE A 99 -13.78 0.33 11.32
N ASP A 100 -14.62 0.36 10.30
CA ASP A 100 -16.02 0.00 10.45
C ASP A 100 -16.10 -1.47 10.89
N TYR A 101 -17.16 -1.79 11.64
CA TYR A 101 -17.31 -3.11 12.25
C TYR A 101 -18.16 -4.05 11.41
N ALA A 102 -17.60 -5.21 11.09
CA ALA A 102 -18.31 -6.28 10.39
C ALA A 102 -18.70 -7.38 11.36
N GLU A 103 -20.01 -7.54 11.60
CA GLU A 103 -20.51 -8.58 12.50
C GLU A 103 -20.14 -9.99 12.05
N HIS A 104 -20.28 -10.25 10.74
CA HIS A 104 -20.10 -11.60 10.19
C HIS A 104 -18.94 -11.69 9.23
N ASP A 105 -18.57 -12.92 8.89
CA ASP A 105 -17.59 -13.19 7.85
C ASP A 105 -17.77 -14.61 7.32
N LEU A 106 -17.06 -14.94 6.25
CA LEU A 106 -17.17 -16.27 5.65
C LEU A 106 -16.71 -17.40 6.57
N TRP A 107 -15.73 -17.14 7.42
CA TRP A 107 -15.26 -18.19 8.33
C TRP A 107 -16.37 -18.63 9.26
N HIS A 108 -17.07 -17.67 9.83
CA HIS A 108 -18.16 -17.95 10.78
C HIS A 108 -19.44 -18.37 10.12
N ILE A 109 -19.76 -17.78 8.96
CA ILE A 109 -20.91 -18.22 8.18
C ILE A 109 -20.76 -19.69 7.75
N ILE A 110 -19.60 -20.05 7.21
CA ILE A 110 -19.35 -21.42 6.77
C ILE A 110 -19.39 -22.41 7.95
N LYS A 111 -18.76 -22.06 9.07
CA LYS A 111 -18.74 -22.92 10.25
C LYS A 111 -20.14 -23.26 10.78
N PHE A 112 -21.05 -22.30 10.67
CA PHE A 112 -22.46 -22.47 11.06
C PHE A 112 -23.19 -23.51 10.20
N HIS A 113 -22.96 -23.45 8.88
CA HIS A 113 -23.59 -24.38 7.93
C HIS A 113 -23.01 -25.77 7.96
N ARG A 114 -21.70 -25.87 8.17
CA ARG A 114 -21.02 -27.17 8.38
C ARG A 114 -21.40 -27.83 9.72
N ALA A 115 -21.83 -27.02 10.69
CA ALA A 115 -22.38 -27.52 11.96
C ALA A 115 -23.90 -27.85 11.89
N SER A 116 -24.49 -27.77 10.69
CA SER A 116 -25.94 -27.89 10.51
C SER A 116 -26.35 -29.33 10.18
N GLN A 124 -27.44 -25.79 4.96
CA GLN A 124 -26.63 -25.46 3.78
C GLN A 124 -26.88 -24.02 3.28
N LEU A 125 -25.87 -23.43 2.66
CA LEU A 125 -25.94 -22.05 2.18
C LEU A 125 -26.94 -21.93 1.04
N PRO A 126 -27.93 -21.01 1.15
CA PRO A 126 -28.76 -20.74 -0.02
C PRO A 126 -27.92 -20.36 -1.23
N ARG A 127 -28.32 -20.81 -2.40
CA ARG A 127 -27.49 -20.65 -3.60
C ARG A 127 -27.45 -19.22 -4.10
N GLY A 128 -28.58 -18.53 -4.05
CA GLY A 128 -28.63 -17.08 -4.25
C GLY A 128 -27.65 -16.31 -3.38
N MET A 129 -27.45 -16.78 -2.15
CA MET A 129 -26.49 -16.16 -1.21
C MET A 129 -25.04 -16.39 -1.66
N VAL A 130 -24.74 -17.59 -2.15
CA VAL A 130 -23.40 -17.92 -2.65
C VAL A 130 -23.03 -17.05 -3.84
N LYS A 131 -23.90 -17.07 -4.86
CA LYS A 131 -23.71 -16.24 -6.07
C LYS A 131 -23.39 -14.81 -5.67
N SER A 132 -24.23 -14.23 -4.83
CA SER A 132 -24.07 -12.84 -4.37
C SER A 132 -22.79 -12.60 -3.59
N LEU A 133 -22.35 -13.57 -2.80
CA LEU A 133 -21.06 -13.46 -2.13
C LEU A 133 -19.95 -13.45 -3.17
N LEU A 134 -19.99 -14.42 -4.09
CA LEU A 134 -18.95 -14.55 -5.10
C LEU A 134 -18.79 -13.30 -5.95
N TYR A 135 -19.92 -12.69 -6.32
CA TYR A 135 -19.89 -11.51 -7.18
C TYR A 135 -19.22 -10.31 -6.51
N GLN A 136 -19.55 -10.08 -5.23
CA GLN A 136 -18.97 -8.97 -4.48
C GLN A 136 -17.50 -9.19 -4.15
N ILE A 137 -17.09 -10.45 -3.94
CA ILE A 137 -15.68 -10.82 -3.73
C ILE A 137 -14.88 -10.52 -5.00
N LEU A 138 -15.42 -10.95 -6.15
CA LEU A 138 -14.87 -10.64 -7.46
C LEU A 138 -14.85 -9.14 -7.74
N ASP A 139 -15.88 -8.42 -7.29
CA ASP A 139 -15.93 -6.97 -7.50
C ASP A 139 -14.80 -6.26 -6.75
N GLY A 140 -14.58 -6.67 -5.50
CA GLY A 140 -13.51 -6.10 -4.68
C GLY A 140 -12.11 -6.47 -5.15
N ILE A 141 -11.89 -7.72 -5.50
CA ILE A 141 -10.59 -8.15 -6.01
C ILE A 141 -10.26 -7.50 -7.36
N HIS A 142 -11.25 -7.37 -8.25
CA HIS A 142 -11.07 -6.65 -9.51
C HIS A 142 -10.63 -5.22 -9.32
N TYR A 143 -11.16 -4.58 -8.28
CA TYR A 143 -10.79 -3.21 -7.95
C TYR A 143 -9.32 -3.16 -7.53
N LEU A 144 -8.95 -4.06 -6.62
CA LEU A 144 -7.57 -4.17 -6.16
C LEU A 144 -6.57 -4.44 -7.29
N HIS A 145 -6.95 -5.31 -8.22
CA HIS A 145 -6.08 -5.69 -9.34
C HIS A 145 -5.96 -4.63 -10.38
N ALA A 146 -7.04 -3.86 -10.55
CA ALA A 146 -7.02 -2.69 -11.45
C ALA A 146 -6.09 -1.59 -10.92
N ASN A 147 -5.88 -1.57 -9.61
CA ASN A 147 -4.98 -0.63 -8.94
C ASN A 147 -3.61 -1.24 -8.61
N TRP A 148 -3.28 -2.38 -9.22
CA TRP A 148 -2.00 -3.10 -9.05
C TRP A 148 -1.67 -3.48 -7.61
N VAL A 149 -2.70 -3.84 -6.86
CA VAL A 149 -2.58 -4.27 -5.48
C VAL A 149 -3.09 -5.70 -5.42
N LEU A 150 -2.23 -6.61 -4.96
CA LEU A 150 -2.56 -8.01 -4.84
C LEU A 150 -2.95 -8.28 -3.41
N HIS A 151 -3.88 -9.20 -3.18
CA HIS A 151 -4.27 -9.54 -1.81
C HIS A 151 -3.21 -10.32 -1.11
N ARG A 152 -2.82 -11.46 -1.70
CA ARG A 152 -1.68 -12.30 -1.27
C ARG A 152 -1.98 -13.39 -0.23
N ASP A 153 -3.16 -13.35 0.38
CA ASP A 153 -3.52 -14.23 1.51
C ASP A 153 -5.04 -14.24 1.73
N LEU A 154 -5.80 -14.38 0.65
CA LEU A 154 -7.26 -14.33 0.70
C LEU A 154 -7.83 -15.61 1.28
N LYS A 155 -8.54 -15.48 2.40
CA LYS A 155 -9.12 -16.60 3.13
C LYS A 155 -10.52 -16.21 3.61
N PRO A 156 -11.31 -17.18 4.09
CA PRO A 156 -12.62 -16.86 4.69
C PRO A 156 -12.61 -15.88 5.88
N ALA A 157 -11.53 -15.86 6.66
CA ALA A 157 -11.38 -14.92 7.79
C ALA A 157 -11.10 -13.45 7.39
N ASN A 158 -10.81 -13.22 6.10
CA ASN A 158 -10.63 -11.88 5.50
C ASN A 158 -11.86 -11.33 4.86
N ILE A 159 -12.74 -12.20 4.36
CA ILE A 159 -13.96 -11.77 3.69
C ILE A 159 -15.02 -11.57 4.75
N LEU A 160 -15.19 -10.32 5.13
CA LEU A 160 -16.17 -9.93 6.11
C LEU A 160 -17.51 -9.69 5.41
N VAL A 161 -18.58 -9.74 6.19
CA VAL A 161 -19.92 -9.38 5.72
C VAL A 161 -20.51 -8.46 6.77
N MET A 162 -21.05 -7.32 6.35
CA MET A 162 -21.65 -6.39 7.29
C MET A 162 -23.00 -6.94 7.79
N GLY A 163 -23.23 -6.80 9.09
CA GLY A 163 -24.44 -7.24 9.73
C GLY A 163 -25.49 -6.15 9.66
N GLU A 164 -26.41 -6.18 10.62
CA GLU A 164 -27.50 -5.19 10.67
C GLU A 164 -26.88 -3.80 10.72
N GLY A 165 -27.33 -2.94 9.82
CA GLY A 165 -26.82 -1.57 9.68
C GLY A 165 -27.19 -1.01 8.32
N PRO A 166 -26.67 0.19 7.98
CA PRO A 166 -26.91 0.78 6.66
C PRO A 166 -26.30 0.01 5.47
N GLU A 167 -25.26 -0.80 5.72
CA GLU A 167 -24.60 -1.61 4.68
C GLU A 167 -24.93 -3.11 4.85
N ARG A 168 -26.19 -3.41 5.16
CA ARG A 168 -26.62 -4.77 5.51
C ARG A 168 -26.34 -5.77 4.39
N GLY A 169 -25.52 -6.76 4.69
CA GLY A 169 -25.22 -7.84 3.78
C GLY A 169 -24.32 -7.46 2.62
N ARG A 170 -23.26 -6.71 2.94
CA ARG A 170 -22.28 -6.28 1.96
C ARG A 170 -20.93 -6.89 2.29
N VAL A 171 -20.28 -7.48 1.30
CA VAL A 171 -18.97 -8.10 1.50
C VAL A 171 -17.94 -6.99 1.71
N LYS A 172 -17.02 -7.19 2.65
CA LYS A 172 -15.90 -6.26 2.91
C LYS A 172 -14.62 -7.08 3.06
N ILE A 173 -13.70 -6.91 2.12
CA ILE A 173 -12.41 -7.62 2.12
C ILE A 173 -11.38 -6.87 2.96
N ALA A 174 -10.61 -7.59 3.75
CA ALA A 174 -9.55 -7.00 4.59
C ALA A 174 -8.19 -7.69 4.43
N ASP A 175 -7.16 -7.07 4.99
CA ASP A 175 -5.80 -7.61 5.06
C ASP A 175 -5.10 -7.78 3.71
N MET A 176 -5.38 -6.88 2.78
CA MET A 176 -4.79 -6.94 1.42
C MET A 176 -3.45 -6.19 1.30
N GLY A 177 -2.52 -6.79 0.57
CA GLY A 177 -1.36 -6.08 0.02
C GLY A 177 -0.11 -5.95 0.86
N PHE A 178 0.05 -6.77 1.91
CA PHE A 178 1.23 -6.67 2.81
C PHE A 178 1.74 -7.98 3.45
N ALA A 179 1.24 -9.14 3.05
CA ALA A 179 1.70 -10.42 3.60
C ALA A 179 3.04 -10.78 2.98
N ARG A 180 4.06 -10.97 3.83
CA ARG A 180 5.32 -11.57 3.40
C ARG A 180 5.10 -13.07 3.12
N LEU A 181 6.06 -13.68 2.42
CA LEU A 181 5.92 -15.05 1.92
C LEU A 181 6.57 -16.10 2.84
N VAL A 196 -1.43 -22.74 14.49
CA VAL A 196 -0.82 -23.18 13.23
C VAL A 196 -1.42 -22.45 12.03
N VAL A 197 -0.57 -22.21 11.03
CA VAL A 197 -0.98 -21.59 9.75
C VAL A 197 -1.32 -22.68 8.73
N THR A 198 -2.33 -22.40 7.89
CA THR A 198 -2.85 -23.36 6.91
C THR A 198 -2.71 -22.85 5.46
N PHE A 199 -2.42 -23.76 4.54
CA PHE A 199 -2.20 -23.45 3.12
C PHE A 199 -3.35 -23.89 2.21
N TRP A 200 -4.55 -24.07 2.78
CA TRP A 200 -5.72 -24.61 2.03
C TRP A 200 -6.22 -23.75 0.92
N TYR A 201 -5.91 -22.45 0.99
CA TYR A 201 -6.32 -21.47 -0.02
C TYR A 201 -5.14 -21.00 -0.87
N ARG A 202 -3.99 -21.68 -0.73
CA ARG A 202 -2.78 -21.36 -1.49
C ARG A 202 -2.76 -22.07 -2.87
N ALA A 203 -2.28 -21.36 -3.88
CA ALA A 203 -2.16 -21.90 -5.25
C ALA A 203 -0.95 -22.83 -5.38
N PRO A 204 -1.03 -23.84 -6.27
CA PRO A 204 0.05 -24.83 -6.34
C PRO A 204 1.40 -24.27 -6.76
N GLU A 205 1.43 -23.19 -7.55
CA GLU A 205 2.70 -22.57 -7.89
C GLU A 205 3.49 -22.13 -6.63
N LEU A 206 2.81 -21.59 -5.63
CA LEU A 206 3.48 -21.20 -4.37
C LEU A 206 3.99 -22.41 -3.59
N LEU A 207 3.17 -23.46 -3.55
CA LEU A 207 3.54 -24.74 -2.95
C LEU A 207 4.72 -25.40 -3.68
N LEU A 208 4.87 -25.15 -4.98
CA LEU A 208 6.00 -25.68 -5.77
C LEU A 208 7.16 -24.70 -5.87
N GLY A 209 7.16 -23.63 -5.06
CA GLY A 209 8.36 -22.82 -4.82
C GLY A 209 8.43 -21.44 -5.44
N ALA A 210 7.38 -21.02 -6.14
CA ALA A 210 7.35 -19.70 -6.78
C ALA A 210 7.63 -18.60 -5.75
N ARG A 211 8.48 -17.65 -6.13
CA ARG A 211 9.00 -16.64 -5.21
C ARG A 211 8.28 -15.27 -5.25
N HIS A 212 7.10 -15.18 -5.87
CA HIS A 212 6.37 -13.90 -5.92
C HIS A 212 4.86 -14.01 -6.09
N TYR A 213 4.17 -12.97 -5.63
CA TYR A 213 2.71 -12.91 -5.66
C TYR A 213 2.23 -12.39 -7.01
N THR A 214 1.10 -12.92 -7.47
CA THR A 214 0.51 -12.61 -8.79
C THR A 214 -1.01 -12.49 -8.65
N LYS A 215 -1.64 -11.92 -9.67
CA LYS A 215 -3.10 -11.83 -9.71
C LYS A 215 -3.74 -13.23 -9.80
N ALA A 216 -3.06 -14.16 -10.46
CA ALA A 216 -3.50 -15.54 -10.54
C ALA A 216 -3.62 -16.20 -9.16
N ILE A 217 -2.73 -15.85 -8.23
CA ILE A 217 -2.74 -16.45 -6.90
C ILE A 217 -4.04 -16.09 -6.20
N ASP A 218 -4.46 -14.84 -6.28
CA ASP A 218 -5.74 -14.41 -5.66
C ASP A 218 -6.93 -15.15 -6.27
N ILE A 219 -6.91 -15.36 -7.59
CA ILE A 219 -8.00 -16.08 -8.30
C ILE A 219 -8.17 -17.55 -7.86
N TRP A 220 -7.06 -18.26 -7.66
CA TRP A 220 -7.10 -19.58 -7.01
C TRP A 220 -7.79 -19.53 -5.67
N ALA A 221 -7.40 -18.56 -4.86
CA ALA A 221 -8.03 -18.37 -3.55
C ALA A 221 -9.55 -18.19 -3.68
N ILE A 222 -9.97 -17.34 -4.60
CA ILE A 222 -11.39 -17.17 -4.89
C ILE A 222 -12.03 -18.49 -5.32
N GLY A 223 -11.29 -19.28 -6.10
CA GLY A 223 -11.77 -20.59 -6.53
C GLY A 223 -12.00 -21.51 -5.36
N CYS A 224 -11.10 -21.49 -4.40
CA CYS A 224 -11.19 -22.33 -3.19
C CYS A 224 -12.33 -21.93 -2.27
N ILE A 225 -12.52 -20.62 -2.13
CA ILE A 225 -13.56 -20.07 -1.29
C ILE A 225 -14.92 -20.42 -1.90
N PHE A 226 -15.08 -20.16 -3.19
CA PHE A 226 -16.32 -20.44 -3.92
C PHE A 226 -16.75 -21.90 -3.79
N ALA A 227 -15.81 -22.84 -3.95
CA ALA A 227 -16.11 -24.27 -3.74
C ALA A 227 -16.66 -24.55 -2.37
N GLU A 228 -15.99 -23.99 -1.35
CA GLU A 228 -16.38 -24.14 0.05
C GLU A 228 -17.72 -23.48 0.38
N LEU A 229 -18.05 -22.37 -0.29
CA LEU A 229 -19.38 -21.77 -0.16
C LEU A 229 -20.45 -22.73 -0.69
N LEU A 230 -20.13 -23.43 -1.78
CA LEU A 230 -21.06 -24.37 -2.39
C LEU A 230 -21.21 -25.68 -1.62
N THR A 231 -20.18 -26.13 -0.90
CA THR A 231 -20.21 -27.44 -0.20
C THR A 231 -20.12 -27.40 1.32
N SER A 232 -19.57 -26.31 1.87
CA SER A 232 -19.28 -26.15 3.32
C SER A 232 -17.96 -26.78 3.78
N GLU A 233 -17.39 -27.68 2.96
CA GLU A 233 -16.06 -28.27 3.22
C GLU A 233 -15.02 -27.43 2.50
N PRO A 234 -13.88 -27.16 3.16
CA PRO A 234 -12.75 -26.59 2.41
C PRO A 234 -12.22 -27.61 1.42
N ILE A 235 -12.34 -27.32 0.13
CA ILE A 235 -12.03 -28.26 -0.96
C ILE A 235 -10.64 -28.90 -0.82
N PHE A 236 -9.66 -28.11 -0.36
CA PHE A 236 -8.31 -28.61 -0.09
C PHE A 236 -7.96 -28.62 1.40
N HIS A 237 -8.90 -29.12 2.21
CA HIS A 237 -8.66 -29.30 3.62
C HIS A 237 -7.54 -30.29 3.81
N CYS A 238 -6.71 -30.03 4.80
CA CYS A 238 -5.46 -30.74 4.95
C CYS A 238 -5.04 -30.86 6.43
N ARG A 239 -4.17 -31.82 6.72
CA ARG A 239 -3.54 -31.92 8.03
C ARG A 239 -2.56 -30.74 8.22
N GLN A 240 -2.41 -30.31 9.48
CA GLN A 240 -1.43 -29.29 9.85
C GLN A 240 -0.06 -29.93 10.11
N GLU A 241 1.01 -29.29 9.66
CA GLU A 241 2.38 -29.80 9.80
C GLU A 241 2.89 -29.59 11.23
N PRO A 248 8.09 -23.83 2.34
CA PRO A 248 8.42 -23.68 0.93
C PRO A 248 7.74 -24.72 0.04
N TYR A 249 7.92 -26.00 0.37
CA TYR A 249 7.34 -27.16 -0.35
C TYR A 249 6.55 -28.05 0.60
N HIS A 250 5.28 -28.29 0.27
CA HIS A 250 4.30 -28.85 1.20
C HIS A 250 3.62 -30.06 0.62
N HIS A 251 4.12 -31.24 0.98
CA HIS A 251 3.73 -32.53 0.37
C HIS A 251 2.27 -32.86 0.52
N ASP A 252 1.82 -32.97 1.76
CA ASP A 252 0.44 -33.36 2.08
C ASP A 252 -0.60 -32.41 1.48
N GLN A 253 -0.27 -31.13 1.38
CA GLN A 253 -1.15 -30.16 0.74
C GLN A 253 -1.35 -30.49 -0.75
N LEU A 254 -0.25 -30.72 -1.46
CA LEU A 254 -0.28 -31.08 -2.87
C LEU A 254 -1.00 -32.44 -3.10
N ASP A 255 -0.68 -33.43 -2.28
CA ASP A 255 -1.41 -34.70 -2.31
C ASP A 255 -2.94 -34.50 -2.35
N ARG A 256 -3.44 -33.62 -1.48
CA ARG A 256 -4.86 -33.32 -1.42
C ARG A 256 -5.33 -32.60 -2.68
N ILE A 257 -4.55 -31.65 -3.17
CA ILE A 257 -4.89 -30.93 -4.41
C ILE A 257 -5.06 -31.91 -5.56
N PHE A 258 -4.14 -32.86 -5.69
CA PHE A 258 -4.18 -33.82 -6.79
C PHE A 258 -5.30 -34.86 -6.61
N ASN A 259 -5.72 -35.09 -5.37
CA ASN A 259 -6.83 -35.99 -5.07
C ASN A 259 -8.20 -35.41 -5.42
N VAL A 260 -8.33 -34.08 -5.39
CA VAL A 260 -9.54 -33.42 -5.88
C VAL A 260 -9.45 -33.16 -7.37
N MET A 261 -8.34 -32.56 -7.80
CA MET A 261 -8.19 -32.05 -9.16
C MET A 261 -7.73 -33.06 -10.21
N GLY A 262 -6.99 -34.07 -9.76
CA GLY A 262 -6.22 -34.92 -10.65
C GLY A 262 -4.81 -34.38 -10.72
N PHE A 263 -3.88 -35.20 -11.21
CA PHE A 263 -2.49 -34.77 -11.44
C PHE A 263 -2.41 -34.10 -12.80
N PRO A 264 -1.74 -32.93 -12.89
CA PRO A 264 -1.72 -32.19 -14.16
C PRO A 264 -0.96 -32.89 -15.27
N ALA A 265 -1.56 -32.94 -16.46
CA ALA A 265 -0.85 -33.38 -17.67
C ALA A 265 0.14 -32.31 -18.10
N ASP A 266 1.21 -32.73 -18.76
CA ASP A 266 2.24 -31.81 -19.27
C ASP A 266 1.61 -30.70 -20.10
N LYS A 267 0.67 -31.06 -20.95
CA LYS A 267 -0.07 -30.09 -21.76
C LYS A 267 -0.85 -29.10 -20.88
N ASP A 268 -1.48 -29.59 -19.82
CA ASP A 268 -2.28 -28.75 -18.91
C ASP A 268 -1.48 -27.69 -18.11
N TRP A 269 -0.18 -27.92 -17.94
CA TRP A 269 0.70 -26.95 -17.25
C TRP A 269 2.14 -27.14 -17.66
N GLU A 270 2.49 -26.52 -18.79
CA GLU A 270 3.77 -26.76 -19.48
C GLU A 270 5.00 -26.25 -18.70
N ASP A 271 4.87 -25.08 -18.07
CA ASP A 271 5.98 -24.46 -17.34
C ASP A 271 6.13 -24.94 -15.88
N ILE A 272 5.45 -26.04 -15.51
CA ILE A 272 5.64 -26.68 -14.21
C ILE A 272 7.10 -27.11 -14.03
N LYS A 273 7.74 -27.47 -15.14
CA LYS A 273 9.18 -27.78 -15.21
C LYS A 273 10.09 -26.66 -14.69
N LYS A 274 9.67 -25.41 -14.91
CA LYS A 274 10.41 -24.23 -14.46
C LYS A 274 10.29 -23.97 -12.95
N MET A 275 9.36 -24.63 -12.25
CA MET A 275 9.16 -24.43 -10.82
C MET A 275 10.34 -25.01 -10.04
N PRO A 276 10.87 -24.27 -9.03
CA PRO A 276 12.01 -24.74 -8.23
C PRO A 276 11.89 -26.15 -7.64
N GLU A 277 10.68 -26.53 -7.26
CA GLU A 277 10.40 -27.82 -6.63
C GLU A 277 9.81 -28.87 -7.59
N HIS A 278 10.10 -28.76 -8.89
CA HIS A 278 9.57 -29.72 -9.86
C HIS A 278 10.22 -31.06 -9.73
N SER A 279 11.53 -31.09 -9.53
CA SER A 279 12.23 -32.36 -9.35
C SER A 279 11.88 -33.04 -8.03
N THR A 280 11.50 -32.27 -7.02
CA THR A 280 10.97 -32.85 -5.78
C THR A 280 9.56 -33.45 -5.99
N LEU A 281 8.78 -32.83 -6.87
CA LEU A 281 7.46 -33.33 -7.25
C LEU A 281 7.55 -34.69 -7.95
N MET A 282 8.49 -34.84 -8.87
CA MET A 282 8.68 -36.10 -9.58
C MET A 282 9.17 -37.23 -8.67
N LYS A 283 10.03 -36.89 -7.70
CA LYS A 283 10.50 -37.88 -6.71
C LYS A 283 9.33 -38.48 -5.93
N ASP A 284 8.56 -37.60 -5.31
CA ASP A 284 7.58 -37.96 -4.28
C ASP A 284 6.20 -38.41 -4.79
N PHE A 285 5.88 -38.13 -6.06
CA PHE A 285 4.54 -38.40 -6.60
C PHE A 285 4.58 -39.27 -7.83
N ARG A 286 3.42 -39.87 -8.13
CA ARG A 286 3.22 -40.61 -9.38
C ARG A 286 1.81 -40.34 -9.92
N ARG A 287 1.75 -39.82 -11.14
CA ARG A 287 0.53 -39.60 -11.93
C ARG A 287 -0.59 -40.65 -11.79
N ASN A 288 -0.23 -41.93 -11.79
CA ASN A 288 -1.20 -43.06 -11.65
C ASN A 288 -1.98 -43.07 -10.34
N THR A 289 -1.40 -42.51 -9.27
CA THR A 289 -2.07 -42.46 -7.97
C THR A 289 -3.38 -41.64 -8.01
N TYR A 290 -3.43 -40.64 -8.90
CA TYR A 290 -4.56 -39.71 -9.00
C TYR A 290 -5.29 -39.88 -10.32
N THR A 291 -5.36 -41.12 -10.79
CA THR A 291 -5.78 -41.42 -12.16
C THR A 291 -7.30 -41.30 -12.38
N ASN A 292 -8.09 -41.63 -11.34
CA ASN A 292 -9.54 -41.43 -11.33
C ASN A 292 -9.98 -40.18 -10.55
N CYS A 293 -9.08 -39.24 -10.31
CA CYS A 293 -9.39 -38.00 -9.61
C CYS A 293 -9.62 -36.86 -10.60
N SER A 294 -10.68 -36.08 -10.36
CA SER A 294 -10.97 -34.88 -11.15
C SER A 294 -11.99 -34.02 -10.43
N LEU A 295 -12.03 -32.73 -10.76
CA LEU A 295 -12.93 -31.78 -10.10
C LEU A 295 -14.40 -32.13 -10.33
N ILE A 296 -14.75 -32.59 -11.53
CA ILE A 296 -16.09 -33.10 -11.82
C ILE A 296 -16.51 -34.15 -10.81
N LYS A 297 -15.69 -35.18 -10.62
CA LYS A 297 -16.00 -36.27 -9.68
C LYS A 297 -16.08 -35.78 -8.22
N TYR A 298 -15.23 -34.82 -7.84
CA TYR A 298 -15.27 -34.24 -6.50
C TYR A 298 -16.64 -33.58 -6.24
N MET A 299 -17.03 -32.65 -7.10
CA MET A 299 -18.22 -31.85 -6.90
C MET A 299 -19.53 -32.64 -7.00
N GLU A 300 -19.54 -33.72 -7.79
CA GLU A 300 -20.68 -34.65 -7.82
C GLU A 300 -20.98 -35.26 -6.44
N LYS A 301 -19.92 -35.62 -5.70
CA LYS A 301 -20.07 -36.17 -4.35
C LYS A 301 -20.77 -35.19 -3.39
N HIS A 302 -20.60 -33.89 -3.65
CA HIS A 302 -21.30 -32.84 -2.90
C HIS A 302 -22.49 -32.24 -3.64
N LYS A 303 -23.14 -33.04 -4.49
CA LYS A 303 -24.42 -32.67 -5.12
C LYS A 303 -24.45 -31.37 -5.97
N VAL A 304 -23.29 -30.95 -6.50
CA VAL A 304 -23.17 -29.83 -7.44
C VAL A 304 -23.02 -30.36 -8.87
N LYS A 305 -24.03 -30.16 -9.73
CA LYS A 305 -24.06 -30.78 -11.07
C LYS A 305 -23.05 -30.16 -12.05
N PRO A 306 -22.16 -30.98 -12.65
CA PRO A 306 -21.13 -30.46 -13.58
C PRO A 306 -21.62 -29.91 -14.95
N ASP A 307 -22.91 -30.03 -15.23
CA ASP A 307 -23.54 -29.30 -16.35
C ASP A 307 -23.85 -27.84 -16.00
N SER A 308 -23.78 -27.49 -14.71
CA SER A 308 -24.25 -26.20 -14.23
C SER A 308 -23.23 -25.11 -14.49
N LYS A 309 -23.73 -23.88 -14.65
CA LYS A 309 -22.88 -22.69 -14.86
C LYS A 309 -21.93 -22.41 -13.68
N ALA A 310 -22.38 -22.75 -12.47
CA ALA A 310 -21.56 -22.64 -11.24
C ALA A 310 -20.28 -23.49 -11.33
N PHE A 311 -20.43 -24.76 -11.69
CA PHE A 311 -19.26 -25.64 -11.82
C PHE A 311 -18.29 -25.12 -12.87
N HIS A 312 -18.81 -24.77 -14.04
CA HIS A 312 -17.98 -24.30 -15.13
C HIS A 312 -17.22 -23.04 -14.83
N LEU A 313 -17.80 -22.14 -14.04
CA LEU A 313 -17.07 -20.96 -13.53
C LEU A 313 -16.00 -21.37 -12.50
N LEU A 314 -16.38 -22.26 -11.59
CA LEU A 314 -15.44 -22.79 -10.58
C LEU A 314 -14.21 -23.45 -11.24
N GLN A 315 -14.45 -24.23 -12.29
CA GLN A 315 -13.36 -24.89 -13.01
C GLN A 315 -12.40 -23.91 -13.69
N LYS A 316 -12.92 -22.77 -14.16
CA LYS A 316 -12.10 -21.72 -14.76
C LYS A 316 -11.28 -20.93 -13.74
N LEU A 317 -11.75 -20.86 -12.50
CA LEU A 317 -10.95 -20.27 -11.42
C LEU A 317 -9.93 -21.26 -10.86
N LEU A 318 -10.37 -22.50 -10.61
CA LEU A 318 -9.50 -23.57 -10.07
C LEU A 318 -8.78 -24.32 -11.21
N THR A 319 -7.81 -23.65 -11.81
CA THR A 319 -7.01 -24.20 -12.90
C THR A 319 -5.59 -24.28 -12.37
N MET A 320 -4.90 -25.39 -12.65
CA MET A 320 -3.57 -25.62 -12.07
C MET A 320 -2.60 -24.54 -12.54
N ASP A 321 -2.49 -24.40 -13.86
CA ASP A 321 -1.57 -23.44 -14.48
C ASP A 321 -2.10 -22.03 -14.28
N PRO A 322 -1.33 -21.15 -13.62
CA PRO A 322 -1.82 -19.80 -13.35
C PRO A 322 -2.16 -18.96 -14.60
N ILE A 323 -1.39 -19.10 -15.67
CA ILE A 323 -1.68 -18.37 -16.90
C ILE A 323 -2.93 -18.88 -17.65
N LYS A 324 -3.45 -20.06 -17.29
CA LYS A 324 -4.75 -20.55 -17.79
C LYS A 324 -5.93 -20.26 -16.87
N ARG A 325 -5.66 -19.50 -15.82
CA ARG A 325 -6.64 -19.12 -14.81
C ARG A 325 -7.26 -17.80 -15.29
N ILE A 326 -8.59 -17.67 -15.23
CA ILE A 326 -9.25 -16.46 -15.74
C ILE A 326 -9.04 -15.26 -14.85
N THR A 327 -9.39 -14.08 -15.36
CA THR A 327 -9.20 -12.84 -14.61
C THR A 327 -10.39 -12.55 -13.69
N SER A 328 -10.19 -11.54 -12.84
CA SER A 328 -11.24 -10.99 -12.01
C SER A 328 -12.44 -10.53 -12.84
N GLU A 329 -12.19 -9.72 -13.88
CA GLU A 329 -13.24 -9.17 -14.75
C GLU A 329 -13.97 -10.24 -15.59
N GLN A 330 -13.20 -11.18 -16.13
CA GLN A 330 -13.78 -12.27 -16.92
C GLN A 330 -14.76 -13.10 -16.11
N ALA A 331 -14.40 -13.38 -14.85
CA ALA A 331 -15.27 -14.03 -13.89
C ALA A 331 -16.57 -13.24 -13.67
N MET A 332 -16.48 -11.92 -13.54
CA MET A 332 -17.67 -11.07 -13.39
C MET A 332 -18.58 -11.06 -14.63
N GLN A 333 -18.01 -11.24 -15.82
CA GLN A 333 -18.79 -11.35 -17.07
C GLN A 333 -19.43 -12.73 -17.32
N ASP A 334 -19.15 -13.70 -16.44
CA ASP A 334 -19.56 -15.11 -16.64
C ASP A 334 -21.09 -15.21 -16.74
N PRO A 335 -21.61 -16.11 -17.59
CA PRO A 335 -23.06 -16.28 -17.67
C PRO A 335 -23.77 -16.81 -16.40
N TYR A 336 -23.02 -17.41 -15.48
CA TYR A 336 -23.53 -17.77 -14.16
C TYR A 336 -24.23 -16.60 -13.45
N PHE A 337 -23.66 -15.41 -13.57
CA PHE A 337 -24.24 -14.20 -13.00
C PHE A 337 -25.38 -13.58 -13.81
N LEU A 338 -25.61 -14.06 -15.04
CA LEU A 338 -26.81 -13.72 -15.81
C LEU A 338 -27.92 -14.77 -15.71
N GLU A 339 -27.60 -15.91 -15.10
CA GLU A 339 -28.59 -16.96 -14.81
C GLU A 339 -29.42 -16.56 -13.60
N ASP A 340 -30.67 -17.02 -13.55
CA ASP A 340 -31.57 -16.73 -12.43
C ASP A 340 -31.15 -17.53 -11.19
N PRO A 341 -31.12 -16.89 -10.01
CA PRO A 341 -31.39 -15.49 -9.69
C PRO A 341 -30.17 -14.61 -9.94
N LEU A 342 -30.39 -13.34 -10.26
CA LEU A 342 -29.32 -12.34 -10.27
C LEU A 342 -28.75 -12.18 -8.85
N PRO A 343 -27.47 -11.76 -8.72
CA PRO A 343 -26.98 -11.46 -7.37
C PRO A 343 -27.56 -10.16 -6.85
N THR A 344 -27.37 -9.89 -5.57
CA THR A 344 -27.97 -8.70 -4.93
C THR A 344 -26.97 -7.94 -4.07
N SER A 345 -27.26 -6.66 -3.86
CA SER A 345 -26.46 -5.79 -2.99
C SER A 345 -26.44 -6.35 -1.57
N ASP A 346 -27.62 -6.76 -1.10
CA ASP A 346 -27.77 -7.47 0.17
C ASP A 346 -27.53 -8.97 -0.06
N VAL A 347 -26.38 -9.45 0.40
CA VAL A 347 -26.01 -10.88 0.35
C VAL A 347 -27.08 -11.79 0.99
N PHE A 348 -27.71 -11.33 2.07
CA PHE A 348 -28.76 -12.09 2.79
C PHE A 348 -30.13 -12.06 2.10
N ALA A 349 -30.35 -11.09 1.23
CA ALA A 349 -31.58 -10.98 0.42
C ALA A 349 -32.85 -10.82 1.27
N GLY A 350 -32.85 -9.82 2.14
CA GLY A 350 -34.04 -9.42 2.91
C GLY A 350 -34.27 -10.17 4.21
N CYS A 351 -34.24 -11.50 4.15
CA CYS A 351 -34.59 -12.37 5.28
C CYS A 351 -33.58 -12.32 6.43
N GLN A 352 -34.08 -12.57 7.64
CA GLN A 352 -33.30 -12.47 8.89
C GLN A 352 -31.93 -13.17 8.82
N ILE A 353 -30.92 -12.55 9.42
CA ILE A 353 -29.60 -13.18 9.57
C ILE A 353 -29.71 -14.20 10.72
N PRO A 354 -29.52 -15.50 10.43
CA PRO A 354 -29.53 -16.51 11.49
C PRO A 354 -28.20 -16.64 12.22
N TYR A 355 -27.15 -16.01 11.67
CA TYR A 355 -25.78 -16.19 12.15
C TYR A 355 -25.59 -15.44 13.45
N PRO A 356 -24.92 -16.09 14.44
CA PRO A 356 -24.73 -15.45 15.72
C PRO A 356 -23.69 -14.34 15.66
N LYS A 357 -23.81 -13.37 16.57
CA LYS A 357 -22.88 -12.27 16.66
C LYS A 357 -21.57 -12.76 17.29
N ARG A 358 -20.53 -11.93 17.23
CA ARG A 358 -19.20 -12.33 17.71
C ARG A 358 -19.14 -12.33 19.23
N GLU A 359 -18.69 -13.44 19.81
CA GLU A 359 -18.51 -13.58 21.24
C GLU A 359 -17.14 -13.01 21.63
N PHE A 360 -17.07 -12.42 22.82
CA PHE A 360 -15.84 -11.80 23.31
C PHE A 360 -14.83 -12.83 23.83
N LEU A 361 -13.61 -12.38 24.11
CA LEU A 361 -12.50 -13.25 24.53
C LEU A 361 -11.97 -12.92 25.92
N THR A 362 -11.17 -13.85 26.46
CA THR A 362 -10.63 -13.78 27.81
C THR A 362 -9.43 -14.75 27.97
N GLU A 363 -8.35 -14.27 28.60
CA GLU A 363 -7.14 -15.06 28.89
C GLU A 363 -6.10 -14.24 29.66
N ASP B 1 15.83 -5.08 -10.55
CA ASP B 1 14.92 -4.41 -9.57
C ASP B 1 13.58 -4.01 -10.23
N ASP B 2 12.65 -3.54 -9.41
CA ASP B 2 11.38 -2.98 -9.90
C ASP B 2 10.67 -2.05 -8.89
N ASP B 3 9.80 -1.19 -9.41
CA ASP B 3 9.17 -0.09 -8.67
C ASP B 3 7.68 -0.31 -8.40
N ASP B 4 7.20 0.30 -7.32
CA ASP B 4 5.83 0.13 -6.81
C ASP B 4 4.75 0.76 -7.72
N LYS B 5 3.91 -0.09 -8.29
CA LYS B 5 2.89 0.33 -9.23
C LYS B 5 1.54 0.57 -8.54
N ALA B 6 1.47 0.37 -7.23
CA ALA B 6 0.21 0.38 -6.47
C ALA B 6 -0.50 1.71 -6.56
N MET B 7 -1.76 1.66 -6.99
CA MET B 7 -2.63 2.85 -7.17
C MET B 7 -2.39 3.70 -8.44
N ALA B 8 -1.48 3.25 -9.31
CA ALA B 8 -1.32 3.83 -10.64
C ALA B 8 -2.68 4.05 -11.37
N GLY B 9 -2.90 5.29 -11.83
CA GLY B 9 -4.16 5.68 -12.51
C GLY B 9 -5.26 6.12 -11.57
N ASN B 10 -4.92 6.50 -10.35
CA ASN B 10 -5.86 6.99 -9.34
C ASN B 10 -5.27 8.15 -8.51
N PHE B 11 -4.43 8.97 -9.14
CA PHE B 11 -4.12 10.31 -8.61
C PHE B 11 -5.38 11.12 -8.35
N TRP B 12 -6.34 11.03 -9.25
CA TRP B 12 -7.48 11.91 -9.15
C TRP B 12 -8.37 11.69 -7.94
N GLN B 13 -8.20 10.56 -7.24
CA GLN B 13 -8.90 10.30 -5.98
C GLN B 13 -7.94 10.01 -4.85
N SER B 14 -6.72 10.53 -4.97
CA SER B 14 -5.65 10.19 -4.06
C SER B 14 -5.60 11.11 -2.85
N SER B 15 -5.02 10.60 -1.77
CA SER B 15 -4.49 11.43 -0.71
C SER B 15 -3.61 12.56 -1.27
N HIS B 16 -2.85 12.25 -2.32
CA HIS B 16 -1.96 13.23 -2.97
C HIS B 16 -2.71 14.43 -3.48
N TYR B 17 -3.72 14.19 -4.32
CA TYR B 17 -4.51 15.27 -4.91
C TYR B 17 -5.20 16.02 -3.78
N LEU B 18 -6.12 15.32 -3.13
CA LEU B 18 -7.22 15.90 -2.36
C LEU B 18 -6.79 16.55 -1.04
N GLN B 19 -5.53 16.33 -0.61
CA GLN B 19 -4.96 16.94 0.59
C GLN B 19 -3.51 17.48 0.50
N TRP B 20 -2.71 17.04 -0.48
CA TRP B 20 -1.30 17.45 -0.62
C TRP B 20 -0.87 18.17 -1.90
N ILE B 21 -1.84 18.63 -2.67
CA ILE B 21 -1.65 19.76 -3.60
C ILE B 21 -2.08 21.00 -2.82
N LEU B 22 -1.08 21.81 -2.43
CA LEU B 22 -1.31 22.96 -1.55
C LEU B 22 -1.25 24.24 -2.37
N ASP B 23 -2.25 25.13 -2.20
CA ASP B 23 -2.21 26.51 -2.75
C ASP B 23 -0.88 27.20 -2.41
N LYS B 24 -0.37 28.00 -3.36
CA LYS B 24 0.98 28.62 -3.24
C LYS B 24 1.06 29.67 -2.13
N GLN B 25 0.01 30.47 -2.00
CA GLN B 25 -0.02 31.56 -1.01
C GLN B 25 -0.07 31.04 0.42
N ASP B 26 -0.82 29.96 0.63
CA ASP B 26 -0.87 29.24 1.90
C ASP B 26 0.51 28.76 2.32
N LEU B 27 1.23 28.21 1.36
CA LEU B 27 2.58 27.72 1.56
C LEU B 27 3.53 28.86 1.98
N LEU B 28 3.44 30.01 1.29
CA LEU B 28 4.28 31.18 1.60
C LEU B 28 3.89 31.89 2.89
N LYS B 29 2.65 31.70 3.35
CA LYS B 29 2.15 32.34 4.58
C LYS B 29 2.69 31.63 5.83
N GLU B 30 2.76 30.30 5.79
CA GLU B 30 3.39 29.51 6.86
C GLU B 30 4.90 29.69 6.91
N ARG B 31 5.49 29.97 5.76
CA ARG B 31 6.94 30.20 5.65
C ARG B 31 7.38 31.50 6.29
N GLN B 32 6.48 32.49 6.41
CA GLN B 32 6.80 33.79 7.03
C GLN B 32 7.22 33.75 8.50
N LYS B 33 6.91 32.64 9.20
CA LYS B 33 7.43 32.39 10.54
C LYS B 33 8.95 32.12 10.52
N ASP B 34 9.43 31.47 9.45
CA ASP B 34 10.87 31.17 9.25
C ASP B 34 11.65 32.28 8.54
N LEU B 35 10.96 33.10 7.74
CA LEU B 35 11.60 34.23 7.05
C LEU B 35 11.95 35.44 7.95
N LYS B 36 11.64 35.34 9.24
CA LYS B 36 12.20 36.24 10.25
C LYS B 36 13.73 36.07 10.36
N PHE B 37 14.20 34.84 10.15
CA PHE B 37 15.61 34.48 10.34
C PHE B 37 16.36 34.40 9.00
N LEU B 38 15.83 33.58 8.10
CA LEU B 38 16.40 33.39 6.76
C LEU B 38 15.66 34.24 5.73
N SER B 39 16.36 34.67 4.68
CA SER B 39 15.72 35.38 3.58
C SER B 39 14.91 34.42 2.69
N GLU B 40 14.14 34.99 1.78
CA GLU B 40 13.39 34.21 0.78
C GLU B 40 14.37 33.40 -0.08
N GLU B 41 15.54 33.99 -0.35
CA GLU B 41 16.61 33.38 -1.12
C GLU B 41 17.29 32.23 -0.36
N GLU B 42 17.79 32.53 0.84
CA GLU B 42 18.47 31.54 1.69
C GLU B 42 17.60 30.33 1.98
N TYR B 43 16.29 30.55 2.06
CA TYR B 43 15.34 29.47 2.28
C TYR B 43 15.24 28.48 1.11
N TRP B 44 15.19 28.98 -0.12
CA TRP B 44 15.13 28.07 -1.29
C TRP B 44 16.43 27.36 -1.48
N LYS B 45 17.54 28.03 -1.17
CA LYS B 45 18.85 27.36 -1.08
C LYS B 45 18.81 26.19 -0.09
N LEU B 46 18.19 26.42 1.07
CA LEU B 46 18.08 25.40 2.11
C LEU B 46 17.37 24.14 1.66
N GLN B 47 16.36 24.31 0.80
CA GLN B 47 15.64 23.18 0.22
C GLN B 47 16.59 22.35 -0.65
N ILE B 48 17.22 23.02 -1.61
CA ILE B 48 18.21 22.41 -2.53
C ILE B 48 19.23 21.58 -1.74
N PHE B 49 19.77 22.16 -0.68
CA PHE B 49 20.72 21.45 0.14
C PHE B 49 20.15 20.14 0.69
N PHE B 50 19.01 20.19 1.37
CA PHE B 50 18.47 18.98 2.00
C PHE B 50 18.00 17.95 0.98
N THR B 51 17.24 18.39 -0.05
CA THR B 51 17.01 17.57 -1.27
C THR B 51 18.26 16.73 -1.68
N ASN B 52 19.46 17.32 -1.68
CA ASN B 52 20.69 16.61 -2.04
C ASN B 52 21.17 15.60 -0.99
N VAL B 53 20.90 15.87 0.29
CA VAL B 53 21.04 14.90 1.40
C VAL B 53 20.10 13.71 1.17
N ILE B 54 18.79 14.01 0.95
CA ILE B 54 17.81 12.95 0.72
C ILE B 54 18.19 12.10 -0.53
N GLN B 55 18.94 12.67 -1.50
CA GLN B 55 19.56 11.90 -2.60
C GLN B 55 20.86 11.09 -2.17
N ALA B 56 21.83 11.74 -1.52
CA ALA B 56 23.11 11.05 -1.11
C ALA B 56 22.87 9.75 -0.32
N LEU B 57 22.36 9.88 0.90
CA LEU B 57 21.78 8.76 1.66
C LEU B 57 21.01 7.77 0.80
N GLY B 58 19.99 8.26 0.07
CA GLY B 58 19.24 7.42 -0.85
C GLY B 58 20.06 6.64 -1.88
N GLU B 59 21.13 7.26 -2.38
CA GLU B 59 22.16 6.53 -3.17
C GLU B 59 22.96 5.55 -2.35
N HIS B 60 23.45 6.00 -1.18
CA HIS B 60 24.35 5.20 -0.29
C HIS B 60 23.68 3.90 0.14
N LEU B 61 22.39 4.00 0.49
CA LEU B 61 21.49 2.88 0.80
C LEU B 61 20.93 2.09 -0.43
N LYS B 62 21.45 2.37 -1.62
CA LYS B 62 21.12 1.61 -2.84
C LYS B 62 19.60 1.62 -3.16
N LEU B 63 18.93 2.71 -2.82
CA LEU B 63 17.49 2.85 -3.05
C LEU B 63 17.21 3.34 -4.47
N ARG B 64 16.01 3.08 -4.92
CA ARG B 64 15.62 3.56 -6.24
C ARG B 64 15.05 4.97 -6.16
N GLN B 65 15.33 5.76 -7.19
CA GLN B 65 14.76 7.10 -7.35
C GLN B 65 13.24 7.27 -7.00
N GLN B 66 12.43 6.22 -7.20
CA GLN B 66 11.02 6.35 -6.80
C GLN B 66 10.85 6.42 -5.28
N VAL B 67 11.73 5.79 -4.52
CA VAL B 67 11.71 5.81 -3.05
C VAL B 67 12.09 7.24 -2.69
N ILE B 68 13.39 7.57 -2.61
CA ILE B 68 13.90 9.00 -2.77
C ILE B 68 12.77 10.08 -3.23
N ALA B 69 12.34 10.15 -4.49
CA ALA B 69 11.14 11.09 -4.83
C ALA B 69 10.12 11.27 -3.70
N THR B 70 9.48 10.15 -3.33
CA THR B 70 8.68 10.01 -2.10
C THR B 70 9.38 10.47 -0.78
N ALA B 71 10.57 10.03 -0.53
CA ALA B 71 11.30 10.52 0.69
C ALA B 71 11.40 12.05 0.70
N THR B 72 11.86 12.59 -0.42
CA THR B 72 11.92 14.02 -0.59
C THR B 72 10.56 14.73 -0.44
N VAL B 73 9.45 14.13 -0.87
CA VAL B 73 8.20 14.87 -0.66
C VAL B 73 7.82 14.79 0.83
N TYR B 74 7.96 13.63 1.46
CA TYR B 74 7.68 13.56 2.90
C TYR B 74 8.34 14.73 3.65
N PHE B 75 9.67 14.84 3.52
CA PHE B 75 10.46 15.97 4.03
C PHE B 75 9.84 17.33 3.71
N LYS B 76 9.65 17.60 2.43
CA LYS B 76 9.02 18.86 2.01
C LYS B 76 7.72 19.09 2.73
N ARG B 77 6.86 18.06 2.76
CA ARG B 77 5.51 18.19 3.33
C ARG B 77 5.52 18.59 4.79
N PHE B 78 6.48 18.03 5.54
CA PHE B 78 6.66 18.36 6.95
C PHE B 78 6.92 19.86 7.15
N TYR B 79 8.03 20.33 6.59
CA TYR B 79 8.45 21.72 6.69
C TYR B 79 7.68 22.74 5.82
N ALA B 80 6.65 22.28 5.10
CA ALA B 80 5.63 23.15 4.52
C ALA B 80 4.46 23.41 5.48
N ARG B 81 4.53 22.79 6.66
CA ARG B 81 3.52 22.94 7.73
C ARG B 81 4.14 23.39 9.06
N TYR B 82 5.40 23.02 9.32
CA TYR B 82 6.09 23.34 10.58
C TYR B 82 7.42 24.05 10.35
N SER B 83 7.81 24.86 11.33
CA SER B 83 9.07 25.63 11.28
C SER B 83 10.30 24.71 11.31
N LEU B 84 11.40 25.20 10.74
CA LEU B 84 12.69 24.50 10.78
C LEU B 84 13.18 24.19 12.20
N LYS B 85 12.77 24.99 13.19
CA LYS B 85 13.13 24.78 14.59
C LYS B 85 12.50 23.55 15.25
N SER B 86 11.42 23.04 14.65
CA SER B 86 10.56 22.02 15.29
C SER B 86 11.30 20.71 15.53
N ILE B 87 11.79 20.13 14.44
CA ILE B 87 12.56 18.90 14.42
C ILE B 87 13.76 19.25 13.55
N ASP B 88 14.92 18.71 13.88
CA ASP B 88 16.09 19.01 13.07
C ASP B 88 15.86 18.44 11.66
N PRO B 89 16.09 19.27 10.61
CA PRO B 89 16.13 18.69 9.26
C PRO B 89 17.19 17.62 9.02
N VAL B 90 18.33 17.64 9.75
CA VAL B 90 19.27 16.53 9.70
C VAL B 90 18.53 15.26 10.13
N LEU B 91 17.83 15.33 11.25
CA LEU B 91 17.12 14.16 11.80
C LEU B 91 15.99 13.70 10.90
N MET B 92 15.24 14.67 10.37
CA MET B 92 14.11 14.36 9.48
C MET B 92 14.58 13.73 8.17
N ALA B 93 15.75 14.15 7.69
CA ALA B 93 16.30 13.67 6.42
C ALA B 93 16.16 12.14 6.22
N PRO B 94 16.90 11.35 7.01
CA PRO B 94 16.81 9.90 6.94
C PRO B 94 15.60 9.25 7.61
N THR B 95 14.88 9.98 8.46
CA THR B 95 13.62 9.48 8.95
C THR B 95 12.67 9.35 7.73
N CYS B 96 12.78 10.26 6.75
CA CYS B 96 12.00 10.15 5.50
C CYS B 96 12.45 9.03 4.54
N VAL B 97 13.75 8.77 4.45
CA VAL B 97 14.29 7.61 3.74
C VAL B 97 13.67 6.34 4.35
N PHE B 98 13.94 6.13 5.63
CA PHE B 98 13.48 4.98 6.44
C PHE B 98 12.02 4.64 6.19
N LEU B 99 11.15 5.62 6.33
CA LEU B 99 9.72 5.40 6.23
C LEU B 99 9.33 5.07 4.78
N ALA B 100 9.86 5.83 3.83
CA ALA B 100 9.54 5.67 2.41
C ALA B 100 9.94 4.30 1.87
N SER B 101 11.14 3.86 2.25
CA SER B 101 11.66 2.53 1.92
C SER B 101 10.88 1.38 2.54
N LYS B 102 10.10 1.66 3.59
CA LYS B 102 9.10 0.73 4.11
C LYS B 102 7.74 0.89 3.43
N VAL B 103 7.31 2.13 3.19
CA VAL B 103 5.97 2.38 2.69
C VAL B 103 5.76 1.75 1.32
N GLU B 104 6.75 1.93 0.47
CA GLU B 104 6.93 1.13 -0.74
C GLU B 104 7.74 -0.04 -0.24
N GLU B 105 7.39 -1.28 -0.61
CA GLU B 105 7.98 -2.47 0.07
C GLU B 105 9.44 -2.78 -0.31
N PHE B 106 10.30 -1.76 -0.27
CA PHE B 106 11.67 -1.92 -0.69
C PHE B 106 12.49 -2.61 0.38
N GLY B 107 12.30 -2.20 1.64
CA GLY B 107 12.90 -2.92 2.77
C GLY B 107 12.99 -2.13 4.05
N VAL B 108 13.07 -2.86 5.15
CA VAL B 108 13.38 -2.31 6.46
C VAL B 108 14.88 -2.15 6.47
N VAL B 109 15.32 -0.93 6.16
CA VAL B 109 16.72 -0.53 6.25
C VAL B 109 17.10 -0.70 7.71
N SER B 110 18.13 -1.51 7.99
CA SER B 110 18.44 -1.86 9.37
C SER B 110 18.82 -0.61 10.16
N ASN B 111 18.86 -0.76 11.49
CA ASN B 111 19.26 0.29 12.40
C ASN B 111 20.68 0.74 12.08
N THR B 112 21.61 -0.19 12.25
CA THR B 112 23.05 0.04 12.21
C THR B 112 23.47 0.70 10.91
N ARG B 113 22.82 0.27 9.83
CA ARG B 113 23.13 0.69 8.47
C ARG B 113 22.47 2.04 8.15
N LEU B 114 21.26 2.29 8.66
CA LEU B 114 20.64 3.63 8.55
C LEU B 114 21.48 4.71 9.20
N ILE B 115 22.12 4.40 10.32
CA ILE B 115 22.86 5.39 11.09
C ILE B 115 24.26 5.63 10.50
N ALA B 116 24.85 4.59 9.92
CA ALA B 116 26.17 4.73 9.31
C ALA B 116 25.98 5.31 7.91
N ALA B 117 24.97 4.86 7.19
CA ALA B 117 24.50 5.65 6.03
C ALA B 117 24.45 7.14 6.41
N ALA B 118 23.83 7.46 7.54
CA ALA B 118 23.77 8.84 8.04
C ALA B 118 25.14 9.45 8.29
N THR B 119 25.94 8.79 9.15
CA THR B 119 27.25 9.32 9.49
C THR B 119 28.11 9.52 8.24
N SER B 120 28.01 8.60 7.26
CA SER B 120 28.95 8.55 6.12
C SER B 120 28.63 9.64 5.08
N VAL B 121 27.39 9.69 4.62
CA VAL B 121 27.04 10.76 3.72
C VAL B 121 27.47 12.13 4.27
N LEU B 122 27.30 12.37 5.58
CA LEU B 122 27.69 13.65 6.17
C LEU B 122 29.20 13.74 6.33
N LYS B 123 29.83 12.66 6.81
CA LYS B 123 31.30 12.59 6.95
C LYS B 123 32.03 12.85 5.63
N THR B 124 31.44 12.47 4.48
CA THR B 124 32.15 12.52 3.20
C THR B 124 31.62 13.60 2.30
N ARG B 125 30.37 13.46 1.85
CA ARG B 125 29.82 14.40 0.91
C ARG B 125 29.48 15.79 1.49
N PHE B 126 29.29 15.90 2.80
CA PHE B 126 28.85 17.19 3.42
C PHE B 126 29.66 17.69 4.62
N SER B 127 30.97 17.46 4.66
CA SER B 127 31.79 17.99 5.77
C SER B 127 32.01 19.52 5.71
N TYR B 128 31.48 20.18 4.67
CA TYR B 128 31.43 21.65 4.58
C TYR B 128 30.29 22.26 5.40
N ALA B 129 29.19 21.52 5.54
CA ALA B 129 27.98 21.98 6.23
C ALA B 129 28.00 21.53 7.68
N PHE B 130 28.11 20.22 7.89
CA PHE B 130 28.11 19.62 9.22
C PHE B 130 29.52 19.16 9.55
N PRO B 131 30.29 19.97 10.31
CA PRO B 131 31.64 19.49 10.72
C PRO B 131 31.58 18.16 11.51
N LYS B 132 31.19 18.20 12.79
CA LYS B 132 31.28 17.03 13.68
C LYS B 132 30.27 15.93 13.30
N GLU B 133 30.53 14.71 13.80
CA GLU B 133 29.73 13.49 13.50
C GLU B 133 28.23 13.73 13.62
N PHE B 134 27.47 13.05 12.76
CA PHE B 134 26.00 12.94 12.85
C PHE B 134 25.58 12.51 14.27
N PRO B 135 24.90 13.39 15.02
CA PRO B 135 24.74 13.17 16.48
C PRO B 135 23.67 12.18 16.93
N TYR B 136 22.74 11.84 16.06
CA TYR B 136 21.56 11.09 16.45
C TYR B 136 21.76 9.58 16.37
N ARG B 137 20.84 8.88 17.01
CA ARG B 137 20.83 7.42 17.13
C ARG B 137 19.41 6.93 16.80
N MET B 138 19.21 5.63 16.76
CA MET B 138 17.98 5.09 16.22
C MET B 138 16.70 5.51 16.96
N ASN B 139 16.75 5.64 18.28
CA ASN B 139 15.57 6.15 19.03
C ASN B 139 15.08 7.53 18.57
N HIS B 140 16.02 8.39 18.16
CA HIS B 140 15.68 9.71 17.64
C HIS B 140 14.95 9.64 16.33
N ILE B 141 15.37 8.72 15.44
CA ILE B 141 14.68 8.44 14.16
C ILE B 141 13.29 7.87 14.41
N LEU B 142 13.23 6.94 15.35
CA LEU B 142 11.98 6.24 15.69
C LEU B 142 10.89 7.19 16.23
N GLU B 143 11.28 8.10 17.13
CA GLU B 143 10.43 9.19 17.63
C GLU B 143 10.05 10.11 16.46
N CYS B 144 11.07 10.57 15.74
CA CYS B 144 10.87 11.46 14.61
C CYS B 144 9.91 10.84 13.57
N GLU B 145 9.97 9.52 13.40
CA GLU B 145 9.08 8.75 12.55
C GLU B 145 7.61 8.87 12.93
N PHE B 146 7.32 8.85 14.22
CA PHE B 146 5.94 9.00 14.72
C PHE B 146 5.36 10.38 14.48
N TYR B 147 6.19 11.43 14.63
CA TYR B 147 5.78 12.80 14.31
C TYR B 147 5.54 12.95 12.81
N LEU B 148 6.52 12.50 12.02
CA LEU B 148 6.40 12.45 10.56
C LEU B 148 5.11 11.76 10.11
N LEU B 149 4.82 10.59 10.69
CA LEU B 149 3.57 9.85 10.39
C LEU B 149 2.32 10.66 10.76
N GLU B 150 2.36 11.32 11.93
CA GLU B 150 1.25 12.12 12.43
C GLU B 150 0.93 13.30 11.53
N LEU B 151 1.95 14.04 11.12
CA LEU B 151 1.74 15.26 10.31
C LEU B 151 1.02 14.94 9.00
N MET B 152 1.48 13.92 8.30
CA MET B 152 0.91 13.56 7.01
C MET B 152 -0.47 12.90 7.08
N ASP B 153 -1.03 12.75 8.29
CA ASP B 153 -2.31 12.09 8.51
C ASP B 153 -2.27 10.69 7.86
N CYS B 154 -1.09 10.07 7.95
CA CYS B 154 -0.76 8.80 7.31
C CYS B 154 -1.08 8.72 5.79
N CYS B 155 -1.00 9.86 5.10
CA CYS B 155 -1.01 9.89 3.63
C CYS B 155 0.39 9.54 3.11
N LEU B 156 0.63 8.24 2.90
CA LEU B 156 1.99 7.72 2.65
C LEU B 156 2.31 7.41 1.17
N ILE B 157 1.26 7.10 0.40
CA ILE B 157 1.42 6.84 -1.04
C ILE B 157 1.56 8.17 -1.75
N VAL B 158 2.56 8.27 -2.61
CA VAL B 158 2.92 9.51 -3.30
C VAL B 158 3.20 9.18 -4.77
N TYR B 159 3.35 10.21 -5.56
CA TYR B 159 3.57 10.05 -6.97
C TYR B 159 4.65 10.99 -7.40
N HIS B 160 5.20 10.64 -8.56
CA HIS B 160 6.23 11.41 -9.21
C HIS B 160 6.01 11.40 -10.69
N PRO B 161 6.54 12.43 -11.39
CA PRO B 161 6.21 12.61 -12.82
C PRO B 161 6.90 11.61 -13.77
N TYR B 162 7.91 10.90 -13.25
CA TYR B 162 8.51 9.71 -13.89
C TYR B 162 7.48 8.81 -14.64
N ARG B 163 6.58 8.14 -13.92
CA ARG B 163 5.68 7.17 -14.54
C ARG B 163 4.86 7.76 -15.71
N PRO B 164 4.31 8.97 -15.55
CA PRO B 164 3.67 9.59 -16.73
C PRO B 164 4.66 10.00 -17.82
N LEU B 165 5.88 10.37 -17.43
CA LEU B 165 6.95 10.69 -18.39
C LEU B 165 7.14 9.52 -19.36
N LEU B 166 7.52 8.36 -18.81
CA LEU B 166 7.68 7.12 -19.59
C LEU B 166 6.49 6.92 -20.58
N GLN B 167 5.25 7.12 -20.12
CA GLN B 167 4.08 7.00 -21.03
C GLN B 167 4.16 7.99 -22.21
N TYR B 168 4.55 9.24 -21.92
CA TYR B 168 4.66 10.27 -22.96
C TYR B 168 5.74 10.02 -24.01
N VAL B 169 6.96 9.66 -23.60
CA VAL B 169 8.04 9.37 -24.56
C VAL B 169 7.67 8.23 -25.51
N GLN B 170 7.10 7.16 -24.95
CA GLN B 170 6.68 5.98 -25.71
C GLN B 170 5.65 6.27 -26.83
N ASP B 171 5.22 7.52 -26.98
CA ASP B 171 4.58 7.99 -28.23
C ASP B 171 5.60 8.51 -29.23
N MET B 172 6.42 9.46 -28.78
CA MET B 172 7.43 10.11 -29.65
C MET B 172 8.48 9.14 -30.20
N GLY B 173 8.87 8.15 -29.40
CA GLY B 173 9.84 7.13 -29.80
C GLY B 173 11.28 7.62 -29.84
N GLN B 174 11.65 8.45 -28.85
CA GLN B 174 13.01 8.96 -28.71
C GLN B 174 13.60 8.56 -27.36
N GLU B 175 13.49 7.27 -27.04
CA GLU B 175 14.08 6.68 -25.84
C GLU B 175 15.62 6.64 -25.91
N ASP B 176 16.17 6.71 -27.13
CA ASP B 176 17.62 6.83 -27.36
C ASP B 176 18.13 8.29 -27.45
N MET B 177 17.31 9.26 -27.04
CA MET B 177 17.67 10.68 -27.06
C MET B 177 17.06 11.43 -25.88
N LEU B 178 15.72 11.51 -25.86
CA LEU B 178 14.99 12.35 -24.89
C LEU B 178 15.03 11.85 -23.45
N LEU B 179 14.50 10.64 -23.24
CA LEU B 179 14.22 10.12 -21.88
C LEU B 179 15.31 10.36 -20.82
N PRO B 180 16.58 10.01 -21.11
CA PRO B 180 17.66 10.31 -20.15
C PRO B 180 17.74 11.75 -19.62
N LEU B 181 17.72 12.73 -20.54
CA LEU B 181 17.75 14.14 -20.15
C LEU B 181 16.50 14.52 -19.35
N ALA B 182 15.31 14.33 -19.94
CA ALA B 182 14.02 14.55 -19.25
C ALA B 182 14.00 13.96 -17.83
N TRP B 183 14.46 12.72 -17.69
CA TRP B 183 14.51 12.05 -16.39
C TRP B 183 15.36 12.78 -15.39
N ARG B 184 16.45 13.41 -15.82
CA ARG B 184 17.25 14.20 -14.87
C ARG B 184 16.57 15.54 -14.56
N ILE B 185 15.85 16.11 -15.53
CA ILE B 185 15.15 17.38 -15.29
C ILE B 185 14.05 17.20 -14.24
N VAL B 186 13.24 16.15 -14.41
CA VAL B 186 12.35 15.67 -13.34
C VAL B 186 13.15 15.46 -12.01
N ASN B 187 14.32 14.83 -12.04
CA ASN B 187 15.16 14.76 -10.79
C ASN B 187 15.45 16.14 -10.21
N ASP B 188 15.86 17.06 -11.08
CA ASP B 188 16.26 18.43 -10.65
C ASP B 188 15.09 19.28 -10.17
N THR B 189 13.88 19.03 -10.67
CA THR B 189 12.69 19.73 -10.17
C THR B 189 12.49 19.53 -8.66
N TYR B 190 13.00 18.43 -8.11
CA TYR B 190 12.93 18.20 -6.66
C TYR B 190 13.73 19.21 -5.83
N ARG B 191 14.60 19.97 -6.47
CA ARG B 191 15.31 21.04 -5.76
C ARG B 191 14.40 22.19 -5.43
N THR B 192 13.30 22.29 -6.18
CA THR B 192 12.27 23.29 -6.04
C THR B 192 11.07 22.62 -5.37
N ASP B 193 9.92 23.27 -5.42
CA ASP B 193 8.75 22.82 -4.67
C ASP B 193 7.52 22.61 -5.57
N LEU B 194 7.73 22.26 -6.83
CA LEU B 194 6.62 22.10 -7.79
C LEU B 194 5.71 20.89 -7.41
N CYS B 195 6.32 19.85 -6.85
CA CYS B 195 5.61 18.61 -6.47
C CYS B 195 4.61 18.76 -5.33
N LEU B 196 4.60 19.90 -4.65
CA LEU B 196 3.59 20.27 -3.67
C LEU B 196 2.51 21.17 -4.27
N LEU B 197 2.81 21.83 -5.39
CA LEU B 197 1.84 22.74 -6.09
C LEU B 197 1.14 22.13 -7.31
N TYR B 198 1.83 21.22 -8.00
CA TYR B 198 1.43 20.70 -9.30
C TYR B 198 1.30 19.20 -9.37
N PRO B 199 0.18 18.72 -10.01
CA PRO B 199 0.02 17.30 -10.30
C PRO B 199 1.14 16.83 -11.25
N PRO B 200 1.70 15.61 -11.01
CA PRO B 200 2.90 15.18 -11.73
C PRO B 200 2.80 15.07 -13.26
N PHE B 201 1.65 14.68 -13.80
CA PHE B 201 1.57 14.55 -15.26
C PHE B 201 2.07 15.85 -15.94
N MET B 202 1.68 16.99 -15.35
CA MET B 202 2.14 18.31 -15.78
C MET B 202 3.65 18.53 -15.54
N ILE B 203 4.17 18.12 -14.38
CA ILE B 203 5.63 18.25 -14.15
C ILE B 203 6.44 17.42 -15.16
N ALA B 204 5.85 16.30 -15.63
CA ALA B 204 6.43 15.46 -16.67
C ALA B 204 6.43 16.18 -18.04
N LEU B 205 5.28 16.73 -18.40
CA LEU B 205 5.14 17.47 -19.67
C LEU B 205 5.97 18.75 -19.68
N ALA B 206 6.26 19.29 -18.50
CA ALA B 206 7.14 20.43 -18.34
C ALA B 206 8.59 20.02 -18.61
N CYS B 207 9.04 18.96 -17.96
CA CYS B 207 10.39 18.45 -18.15
C CYS B 207 10.60 17.96 -19.59
N LEU B 208 9.62 17.28 -20.12
CA LEU B 208 9.68 16.81 -21.51
C LEU B 208 9.80 17.96 -22.52
N HIS B 209 9.19 19.10 -22.22
CA HIS B 209 9.29 20.29 -23.06
C HIS B 209 10.65 20.94 -22.98
N VAL B 210 11.18 21.11 -21.77
CA VAL B 210 12.54 21.65 -21.60
C VAL B 210 13.56 20.77 -22.32
N ALA B 211 13.43 19.46 -22.16
CA ALA B 211 14.24 18.47 -22.89
C ALA B 211 14.22 18.72 -24.39
N CYS B 212 13.02 18.86 -24.95
CA CYS B 212 12.82 19.15 -26.38
C CYS B 212 13.53 20.44 -26.86
N VAL B 213 13.67 21.42 -25.97
CA VAL B 213 14.39 22.65 -26.29
C VAL B 213 15.89 22.36 -26.29
N VAL B 214 16.40 21.76 -25.22
CA VAL B 214 17.84 21.49 -25.06
C VAL B 214 18.46 20.72 -26.24
N GLN B 215 17.76 19.70 -26.74
CA GLN B 215 18.22 18.86 -27.85
C GLN B 215 17.70 19.25 -29.25
N GLN B 216 17.02 20.40 -29.34
CA GLN B 216 16.39 20.89 -30.58
C GLN B 216 15.62 19.79 -31.31
N LYS B 217 14.58 19.31 -30.61
CA LYS B 217 13.63 18.38 -31.17
C LYS B 217 12.37 19.19 -31.45
N ASP B 218 11.80 19.05 -32.64
CA ASP B 218 10.52 19.65 -32.98
C ASP B 218 9.40 18.78 -32.37
N ALA B 219 8.82 19.26 -31.27
CA ALA B 219 7.70 18.57 -30.59
C ALA B 219 6.44 19.44 -30.53
N ARG B 220 6.38 20.49 -31.33
CA ARG B 220 5.28 21.47 -31.31
C ARG B 220 3.93 20.81 -31.57
N GLN B 221 3.86 20.05 -32.66
CA GLN B 221 2.64 19.36 -33.09
C GLN B 221 2.08 18.42 -32.02
N TRP B 222 2.98 17.74 -31.31
CA TRP B 222 2.61 16.79 -30.25
C TRP B 222 2.02 17.46 -29.02
N PHE B 223 2.61 18.58 -28.60
CA PHE B 223 2.12 19.34 -27.43
C PHE B 223 0.74 19.99 -27.64
N ALA B 224 0.39 20.26 -28.90
CA ALA B 224 -0.95 20.73 -29.27
C ALA B 224 -2.01 19.61 -29.44
N GLU B 225 -1.63 18.36 -29.12
CA GLU B 225 -2.55 17.22 -29.06
C GLU B 225 -2.80 16.80 -27.60
N LEU B 226 -3.12 17.78 -26.76
CA LEU B 226 -3.30 17.57 -25.31
C LEU B 226 -4.37 18.52 -24.77
N SER B 227 -5.48 17.97 -24.28
CA SER B 227 -6.58 18.77 -23.72
C SER B 227 -6.24 19.00 -22.24
N VAL B 228 -5.38 20.00 -22.02
CA VAL B 228 -4.60 20.24 -20.79
C VAL B 228 -4.40 21.76 -20.66
N ASP B 229 -4.13 22.26 -19.44
CA ASP B 229 -3.92 23.71 -19.27
C ASP B 229 -2.45 24.08 -19.57
N MET B 230 -2.23 24.64 -20.76
CA MET B 230 -0.90 25.00 -21.22
C MET B 230 -0.25 26.21 -20.51
N GLU B 231 -1.03 26.99 -19.77
CA GLU B 231 -0.52 28.17 -19.03
C GLU B 231 0.11 27.66 -17.76
N LYS B 232 -0.66 26.86 -17.03
CA LYS B 232 -0.19 26.10 -15.91
C LYS B 232 1.03 25.24 -16.29
N ILE B 233 1.07 24.72 -17.51
CA ILE B 233 2.28 24.01 -18.00
C ILE B 233 3.43 24.98 -18.25
N LEU B 234 3.11 26.15 -18.80
CA LEU B 234 4.11 27.22 -18.99
C LEU B 234 4.64 27.82 -17.68
N GLU B 235 3.81 27.83 -16.63
CA GLU B 235 4.22 28.28 -15.30
C GLU B 235 5.35 27.39 -14.78
N ILE B 236 5.20 26.07 -14.96
CA ILE B 236 6.15 25.09 -14.50
C ILE B 236 7.49 25.22 -15.27
N ILE B 237 7.43 25.55 -16.57
CA ILE B 237 8.67 25.69 -17.35
C ILE B 237 9.53 26.84 -16.83
N ARG B 238 8.93 28.03 -16.66
CA ARG B 238 9.60 29.16 -15.98
C ARG B 238 10.36 28.73 -14.74
N VAL B 239 9.68 27.97 -13.90
CA VAL B 239 10.24 27.49 -12.64
C VAL B 239 11.43 26.57 -12.90
N ILE B 240 11.33 25.75 -13.94
CA ILE B 240 12.38 24.81 -14.34
C ILE B 240 13.60 25.53 -14.93
N LEU B 241 13.35 26.54 -15.77
CA LEU B 241 14.43 27.36 -16.32
C LEU B 241 15.10 28.23 -15.25
N LYS B 242 14.30 28.74 -14.32
CA LYS B 242 14.82 29.54 -13.20
C LYS B 242 15.68 28.69 -12.27
N LEU B 243 15.24 27.46 -12.03
CA LEU B 243 16.00 26.44 -11.30
C LEU B 243 17.44 26.31 -11.76
N TYR B 244 17.70 26.41 -13.07
CA TYR B 244 19.08 26.28 -13.61
C TYR B 244 19.91 27.56 -13.48
N GLU B 245 19.28 28.72 -13.61
CA GLU B 245 19.96 30.00 -13.33
C GLU B 245 20.27 30.13 -11.84
N GLN B 246 19.43 29.56 -11.00
CA GLN B 246 19.70 29.50 -9.56
C GLN B 246 20.85 28.56 -9.22
N TRP B 247 20.89 27.40 -9.89
CA TRP B 247 22.00 26.43 -9.79
C TRP B 247 23.33 27.09 -10.13
N LYS B 248 23.39 27.76 -11.27
CA LYS B 248 24.57 28.51 -11.73
C LYS B 248 25.16 29.45 -10.66
N ASN B 249 24.29 30.19 -9.98
CA ASN B 249 24.69 31.23 -9.03
C ASN B 249 24.86 30.75 -7.58
N PHE B 250 24.26 29.63 -7.23
CA PHE B 250 24.33 29.08 -5.89
C PHE B 250 25.59 28.25 -5.71
N ASP B 251 26.50 28.75 -4.87
CA ASP B 251 27.68 27.99 -4.44
C ASP B 251 27.36 27.33 -3.08
N GLU B 252 26.59 26.25 -3.15
CA GLU B 252 26.28 25.37 -2.02
C GLU B 252 27.41 25.24 -0.98
N ARG B 253 28.58 24.84 -1.45
CA ARG B 253 29.67 24.47 -0.52
C ARG B 253 30.26 25.68 0.23
N LYS B 254 30.22 26.85 -0.40
CA LYS B 254 30.71 28.08 0.19
C LYS B 254 29.68 28.84 1.03
N GLU B 255 28.42 28.43 0.98
CA GLU B 255 27.33 29.22 1.57
C GLU B 255 26.51 28.52 2.67
N MET B 256 26.63 27.21 2.79
CA MET B 256 25.68 26.46 3.61
C MET B 256 25.97 26.39 5.09
N ALA B 257 27.22 26.55 5.51
CA ALA B 257 27.51 26.69 6.94
C ALA B 257 26.72 27.88 7.48
N THR B 258 26.95 29.05 6.88
CA THR B 258 26.33 30.32 7.28
C THR B 258 24.79 30.29 7.23
N ILE B 259 24.22 29.71 6.18
CA ILE B 259 22.75 29.58 6.08
C ILE B 259 22.16 28.68 7.18
N LEU B 260 22.84 27.59 7.51
CA LEU B 260 22.39 26.68 8.57
C LEU B 260 22.52 27.28 9.97
N SER B 261 23.57 28.07 10.21
CA SER B 261 23.70 28.77 11.49
C SER B 261 22.60 29.83 11.70
N LYS B 262 22.08 30.39 10.60
CA LYS B 262 20.97 31.34 10.65
C LYS B 262 19.59 30.69 10.80
N MET B 263 19.47 29.37 10.64
CA MET B 263 18.19 28.67 10.89
C MET B 263 17.74 28.94 12.30
N PRO B 264 16.40 29.03 12.51
CA PRO B 264 15.90 29.21 13.87
C PRO B 264 16.16 27.97 14.69
N LYS B 265 16.59 28.17 15.93
CA LYS B 265 17.06 27.11 16.80
C LYS B 265 15.92 26.61 17.70
N PRO B 266 15.87 25.28 17.97
CA PRO B 266 14.87 24.74 18.91
C PRO B 266 14.93 25.37 20.31
N LYS B 267 13.76 25.56 20.93
CA LYS B 267 13.67 25.97 22.32
C LYS B 267 13.89 24.72 23.19
N PRO B 268 14.77 24.80 24.20
CA PRO B 268 14.99 23.67 25.10
C PRO B 268 13.88 23.55 26.16
N PRO B 269 13.74 22.35 26.78
CA PRO B 269 12.80 22.21 27.91
C PRO B 269 13.19 23.04 29.16
N PRO B 270 12.26 23.19 30.13
CA PRO B 270 12.57 23.91 31.38
C PRO B 270 13.46 23.09 32.32
C1 5Y7 C . -2.67 -8.50 9.30
C3 5Y7 C . -4.49 -8.89 10.72
C4 5Y7 C . -5.98 -8.69 11.02
C6 5Y7 C . -6.65 -11.07 10.67
C7 5Y7 C . -7.92 -11.78 10.11
C8 5Y7 C . -9.02 -10.85 10.69
C11 5Y7 C . -10.12 -8.52 12.33
C15 5Y7 C . -12.18 -7.41 11.42
C16 5Y7 C . -12.45 -6.07 11.02
C18 5Y7 C . -13.72 -5.55 11.24
C21 5Y7 C . -13.27 -8.14 12.01
C23 5Y7 C . -13.05 -10.67 11.61
C24 5Y7 C . -12.82 -11.95 12.14
O28 5Y7 C . -11.76 -15.52 12.68
C30 5Y7 C . -12.56 -14.03 15.24
C31 5Y7 C . -12.59 -12.12 13.49
C32 5Y7 C . -12.58 -10.99 14.33
C33 5Y7 C . -12.81 -9.73 13.83
O2 5Y7 C . -4.10 -8.51 9.41
N5 5Y7 C . -6.94 -9.63 10.41
C9 5Y7 C . -8.38 -9.43 10.70
C10 5Y7 C . -8.64 -8.70 12.01
N12 5Y7 C . -10.93 -8.03 11.21
C13 5Y7 C . -10.49 -8.28 9.81
C14 5Y7 C . -8.99 -8.55 9.60
CL 5Y7 C . -11.26 -5.04 10.27
N19 5Y7 C . -14.68 -6.27 11.81
C20 5Y7 C . -14.50 -7.52 12.20
C22 5Y7 C . -13.06 -9.55 12.47
C25 5Y7 C . -12.77 -13.31 11.44
S26 5Y7 C . -11.62 -14.11 12.60
O27 5Y7 C . -10.35 -13.48 12.56
N29 5Y7 C . -12.33 -13.42 13.92
C1 EDO D . 0.08 -16.52 2.37
O1 EDO D . 0.69 -15.29 1.96
C2 EDO D . -0.61 -17.19 1.18
O2 EDO D . -0.85 -18.60 1.38
C FMT E . -9.87 -27.93 -13.50
O1 FMT E . -9.17 -27.21 -14.22
O2 FMT E . -10.18 -29.18 -13.88
C FMT F . 8.78 22.45 -28.96
O1 FMT F . 9.60 21.55 -29.16
O2 FMT F . 7.92 22.34 -27.94
C FMT G . 1.63 5.13 -8.20
O1 FMT G . 1.96 5.26 -9.38
O2 FMT G . 2.49 5.40 -7.22
#